data_6CAD
#
_entry.id   6CAD
#
_cell.length_a   85.493
_cell.length_b   114.548
_cell.length_c   55.599
_cell.angle_alpha   90.000
_cell.angle_beta   90.000
_cell.angle_gamma   90.000
#
_symmetry.space_group_name_H-M   'P 21 21 2'
#
loop_
_entity.id
_entity.type
_entity.pdbx_description
1 polymer 'Serine/threonine-protein kinase B-raf'
2 non-polymer 1-(propan-2-yl)-3-({3-[3-(trifluoromethyl)phenyl]isoquinolin-8-yl}ethynyl)-1H-pyrazolo[3,4-d]pyrimidin-4-amine
3 water water
#
_entity_poly.entity_id   1
_entity_poly.type   'polypeptide(L)'
_entity_poly.pdbx_seq_one_letter_code
;GAMDRDSSDDWEIPDGQITVGQRIGSGSFGTVYKGKWHGDVAVKMLNVTAPTPQQLQAFKNEVGVLRKTRHVNILLFMGY
STKPQLAIVTQWCEGSSLYHHLHASETKFEMKKLIDIARQTARGMDYLHAKSIIHRDLKSNNIFLHEDNTVKIGDFGLAT
VKSRWSGSHQFEQLSGSILWMAPEVIRMQDSNPYSFQSDVYAFGIVLYELMTGQLPYSNINNRDQIIEMVGRGSLSPDLS
KVRSNCPKRMKRLMAECLKKKRDERPSFPRILAEIEELARELSG
;
_entity_poly.pdbx_strand_id   A,B
#
# COMPACT_ATOMS: atom_id res chain seq x y z
N ASP A 10 -19.04 9.14 -4.69
CA ASP A 10 -18.17 8.69 -5.76
C ASP A 10 -17.42 7.42 -5.34
N TRP A 11 -17.01 7.38 -4.08
CA TRP A 11 -16.36 6.22 -3.49
C TRP A 11 -17.28 5.44 -2.57
N GLU A 12 -18.59 5.48 -2.84
CA GLU A 12 -19.57 4.82 -2.00
C GLU A 12 -19.69 3.35 -2.39
N ILE A 13 -19.70 2.48 -1.38
CA ILE A 13 -19.83 1.04 -1.58
C ILE A 13 -21.30 0.67 -1.41
N PRO A 14 -21.97 0.15 -2.44
CA PRO A 14 -23.38 -0.24 -2.30
C PRO A 14 -23.56 -1.28 -1.20
N ASP A 15 -24.77 -1.30 -0.63
CA ASP A 15 -25.08 -2.22 0.46
C ASP A 15 -25.02 -3.66 -0.04
N GLY A 16 -24.68 -4.56 0.89
CA GLY A 16 -24.61 -5.97 0.61
C GLY A 16 -23.24 -6.48 0.21
N GLN A 17 -22.37 -5.59 -0.28
CA GLN A 17 -21.03 -6.00 -0.69
C GLN A 17 -20.14 -6.27 0.52
N ILE A 18 -20.22 -5.42 1.55
CA ILE A 18 -19.33 -5.52 2.70
C ILE A 18 -19.85 -6.60 3.63
N THR A 19 -18.96 -7.49 4.05
CA THR A 19 -19.26 -8.52 5.04
C THR A 19 -18.51 -8.19 6.32
N VAL A 20 -19.25 -7.93 7.39
CA VAL A 20 -18.67 -7.50 8.65
C VAL A 20 -18.35 -8.73 9.49
N GLY A 21 -17.16 -8.74 10.08
CA GLY A 21 -16.69 -9.88 10.85
C GLY A 21 -16.42 -9.59 12.31
N GLN A 22 -15.28 -10.06 12.80
CA GLN A 22 -14.96 -9.95 14.22
C GLN A 22 -14.78 -8.49 14.63
N ARG A 23 -15.20 -8.20 15.86
CA ARG A 23 -15.05 -6.87 16.43
C ARG A 23 -13.67 -6.69 17.05
N ILE A 24 -13.11 -5.48 16.90
CA ILE A 24 -11.75 -5.18 17.32
C ILE A 24 -11.73 -4.13 18.42
N GLY A 25 -12.39 -2.99 18.20
CA GLY A 25 -12.35 -1.90 19.14
C GLY A 25 -13.69 -1.20 19.23
N SER A 26 -13.84 -0.42 20.30
CA SER A 26 -15.06 0.34 20.54
C SER A 26 -14.75 1.79 20.91
N SER A 28 -17.19 4.56 22.07
CA SER A 28 -18.59 4.91 22.27
C SER A 28 -19.23 5.39 20.98
N PHE A 29 -18.55 6.29 20.27
CA PHE A 29 -19.08 6.84 19.03
C PHE A 29 -19.18 5.77 17.95
N GLY A 30 -18.13 4.98 17.78
CA GLY A 30 -18.16 3.95 16.75
C GLY A 30 -17.28 2.77 17.12
N THR A 31 -17.51 1.67 16.41
CA THR A 31 -16.78 0.42 16.58
C THR A 31 -16.18 -0.02 15.26
N VAL A 32 -15.03 -0.67 15.32
CA VAL A 32 -14.31 -1.13 14.13
C VAL A 32 -14.34 -2.65 14.11
N TYR A 33 -14.48 -3.21 12.89
CA TYR A 33 -14.50 -4.64 12.68
C TYR A 33 -13.56 -5.01 11.55
N LYS A 34 -13.03 -6.23 11.62
CA LYS A 34 -12.36 -6.81 10.47
C LYS A 34 -13.40 -7.30 9.47
N GLY A 35 -13.20 -6.98 8.19
CA GLY A 35 -14.19 -7.26 7.18
C GLY A 35 -13.58 -7.81 5.91
N LYS A 36 -14.46 -8.28 5.02
CA LYS A 36 -14.07 -8.85 3.74
C LYS A 36 -14.74 -8.08 2.62
N TRP A 37 -13.96 -7.33 1.84
CA TRP A 37 -14.47 -6.65 0.66
C TRP A 37 -13.34 -6.70 -0.38
N HIS A 38 -13.44 -7.64 -1.32
CA HIS A 38 -12.35 -7.93 -2.25
C HIS A 38 -11.06 -8.23 -1.48
N GLY A 39 -11.19 -8.96 -0.39
CA GLY A 39 -10.09 -9.31 0.48
C GLY A 39 -10.26 -8.70 1.86
N ASP A 40 -9.21 -8.83 2.66
CA ASP A 40 -9.24 -8.37 4.03
C ASP A 40 -9.30 -6.84 4.09
N VAL A 41 -10.26 -6.31 4.85
CA VAL A 41 -10.43 -4.88 5.03
C VAL A 41 -10.88 -4.63 6.46
N ALA A 42 -10.73 -3.38 6.90
CA ALA A 42 -11.20 -2.94 8.20
C ALA A 42 -12.34 -1.94 8.00
N VAL A 43 -13.39 -2.10 8.81
CA VAL A 43 -14.60 -1.28 8.71
C VAL A 43 -14.83 -0.60 10.05
N LYS A 44 -14.93 0.73 10.03
CA LYS A 44 -15.25 1.51 11.21
C LYS A 44 -16.69 1.99 11.07
N MET A 45 -17.57 1.52 11.95
CA MET A 45 -19.01 1.74 11.83
C MET A 45 -19.51 2.67 12.92
N LEU A 46 -20.61 3.36 12.62
CA LEU A 46 -21.30 4.21 13.57
C LEU A 46 -22.49 3.45 14.15
N ASN A 47 -22.61 3.49 15.48
CA ASN A 47 -23.63 2.74 16.23
C ASN A 47 -23.40 1.24 16.09
N ALA A 50 -27.52 6.85 18.75
CA ALA A 50 -27.83 8.02 17.94
C ALA A 50 -26.56 8.75 17.51
N PRO A 51 -26.44 9.03 16.21
CA PRO A 51 -25.25 9.73 15.70
C PRO A 51 -25.25 11.19 16.12
N THR A 52 -24.23 11.59 16.88
CA THR A 52 -24.11 12.96 17.32
C THR A 52 -23.78 13.87 16.12
N PRO A 53 -24.26 15.12 16.14
CA PRO A 53 -23.87 16.05 15.07
C PRO A 53 -22.37 16.17 14.89
N GLN A 54 -21.62 16.21 15.99
CA GLN A 54 -20.16 16.22 15.90
C GLN A 54 -19.65 14.91 15.31
N GLN A 55 -20.24 13.78 15.71
CA GLN A 55 -19.83 12.49 15.17
C GLN A 55 -20.07 12.43 13.66
N LEU A 56 -21.24 12.92 13.21
CA LEU A 56 -21.49 13.00 11.78
C LEU A 56 -20.51 13.95 11.09
N GLN A 57 -20.15 15.04 11.77
CA GLN A 57 -19.18 15.97 11.20
C GLN A 57 -17.80 15.32 11.05
N ALA A 58 -17.36 14.61 12.09
CA ALA A 58 -16.08 13.90 12.02
C ALA A 58 -16.09 12.85 10.92
N PHE A 59 -17.23 12.17 10.73
CA PHE A 59 -17.33 11.19 9.66
C PHE A 59 -17.13 11.85 8.30
N LYS A 60 -17.76 13.01 8.08
CA LYS A 60 -17.59 13.71 6.81
C LYS A 60 -16.15 14.16 6.62
N ASN A 61 -15.53 14.71 7.67
CA ASN A 61 -14.16 15.22 7.54
C ASN A 61 -13.17 14.09 7.30
N GLU A 62 -13.34 12.96 7.99
CA GLU A 62 -12.41 11.85 7.80
C GLU A 62 -12.43 11.33 6.37
N VAL A 63 -13.63 11.23 5.78
CA VAL A 63 -13.72 10.83 4.38
C VAL A 63 -13.08 11.90 3.48
N GLY A 64 -13.31 13.16 3.79
CA GLY A 64 -12.74 14.23 2.98
C GLY A 64 -11.23 14.27 3.03
N VAL A 65 -10.65 14.06 4.21
CA VAL A 65 -9.20 14.05 4.34
C VAL A 65 -8.61 12.79 3.73
N LEU A 66 -9.21 11.63 4.02
CA LEU A 66 -8.64 10.36 3.59
C LEU A 66 -8.63 10.23 2.07
N ARG A 67 -9.69 10.69 1.41
CA ARG A 67 -9.74 10.56 -0.05
C ARG A 67 -8.63 11.36 -0.72
N LYS A 68 -8.18 12.44 -0.09
CA LYS A 68 -7.09 13.25 -0.63
C LYS A 68 -5.72 12.64 -0.42
N THR A 69 -5.64 11.47 0.22
CA THR A 69 -4.36 10.84 0.56
C THR A 69 -4.15 9.59 -0.28
N ARG A 70 -2.98 9.51 -0.94
CA ARG A 70 -2.55 8.34 -1.70
C ARG A 70 -1.05 8.17 -1.47
N HIS A 71 -0.71 7.61 -0.31
CA HIS A 71 0.67 7.38 0.09
C HIS A 71 0.77 6.02 0.76
N VAL A 72 1.90 5.34 0.56
CA VAL A 72 2.07 3.98 1.07
C VAL A 72 2.04 3.96 2.60
N ASN A 73 2.73 4.91 3.23
CA ASN A 73 2.79 4.94 4.69
C ASN A 73 1.58 5.62 5.33
N ILE A 74 0.60 6.04 4.54
CA ILE A 74 -0.67 6.52 5.05
C ILE A 74 -1.67 5.39 4.87
N LEU A 75 -2.51 5.17 5.87
CA LEU A 75 -3.48 4.07 5.83
C LEU A 75 -4.37 4.21 4.59
N LEU A 76 -4.38 3.17 3.77
CA LEU A 76 -5.15 3.21 2.53
C LEU A 76 -6.64 3.30 2.83
N PHE A 77 -7.29 4.32 2.27
CA PHE A 77 -8.72 4.53 2.42
C PHE A 77 -9.41 3.91 1.22
N MET A 78 -10.16 2.84 1.44
CA MET A 78 -10.78 2.13 0.34
C MET A 78 -12.17 2.65 -0.02
N GLY A 79 -12.93 3.15 0.94
CA GLY A 79 -14.23 3.70 0.63
C GLY A 79 -15.03 3.97 1.89
N TYR A 80 -16.30 4.34 1.67
CA TYR A 80 -17.22 4.62 2.76
C TYR A 80 -18.58 4.03 2.42
N SER A 81 -19.33 3.66 3.45
CA SER A 81 -20.65 3.07 3.28
C SER A 81 -21.68 3.87 4.08
N THR A 82 -22.89 3.95 3.53
CA THR A 82 -23.98 4.74 4.12
C THR A 82 -25.25 3.94 4.34
N LYS A 83 -25.57 2.99 3.45
CA LYS A 83 -26.91 2.40 3.43
C LYS A 83 -27.25 1.64 4.72
N PRO A 84 -26.49 0.62 5.15
CA PRO A 84 -26.86 -0.04 6.41
C PRO A 84 -26.60 0.86 7.61
N GLN A 85 -25.39 1.40 7.65
CA GLN A 85 -24.99 2.38 8.65
C GLN A 85 -23.79 3.13 8.12
N LEU A 86 -23.52 4.30 8.71
CA LEU A 86 -22.37 5.10 8.31
C LEU A 86 -21.09 4.35 8.68
N ALA A 87 -20.23 4.13 7.68
CA ALA A 87 -19.02 3.35 7.90
C ALA A 87 -17.94 3.80 6.93
N ILE A 88 -16.68 3.62 7.34
CA ILE A 88 -15.52 3.87 6.52
C ILE A 88 -14.68 2.60 6.48
N VAL A 89 -14.33 2.16 5.27
CA VAL A 89 -13.57 0.93 5.08
C VAL A 89 -12.16 1.29 4.63
N THR A 90 -11.16 0.62 5.24
CA THR A 90 -9.76 0.82 4.94
C THR A 90 -9.08 -0.52 4.75
N GLN A 91 -7.83 -0.48 4.31
CA GLN A 91 -7.04 -1.68 4.15
C GLN A 91 -6.83 -2.36 5.51
N TRP A 92 -6.74 -3.69 5.48
CA TRP A 92 -6.48 -4.45 6.70
C TRP A 92 -4.98 -4.58 6.89
N CYS A 93 -4.50 -4.17 8.07
CA CYS A 93 -3.09 -4.24 8.42
C CYS A 93 -2.86 -5.40 9.37
N GLU A 94 -1.91 -6.26 9.03
CA GLU A 94 -1.57 -7.40 9.86
C GLU A 94 -0.34 -7.06 10.70
N GLY A 95 -0.48 -7.16 12.01
CA GLY A 95 0.61 -6.81 12.90
C GLY A 95 0.15 -6.08 14.15
N SER A 96 1.02 -5.23 14.69
CA SER A 96 0.70 -4.46 15.89
C SER A 96 1.30 -3.06 15.75
N SER A 97 0.78 -2.15 16.57
CA SER A 97 1.23 -0.76 16.51
C SER A 97 2.66 -0.64 17.05
N LEU A 98 3.27 0.51 16.77
CA LEU A 98 4.64 0.76 17.24
C LEU A 98 4.71 0.80 18.76
N TYR A 99 3.67 1.36 19.41
CA TYR A 99 3.65 1.41 20.87
C TYR A 99 3.70 0.01 21.47
N HIS A 100 2.93 -0.92 20.92
CA HIS A 100 2.90 -2.29 21.44
C HIS A 100 4.24 -2.97 21.26
N HIS A 101 4.88 -2.78 20.11
CA HIS A 101 6.16 -3.46 19.84
C HIS A 101 7.25 -2.98 20.79
N LEU A 102 7.31 -1.67 21.05
CA LEU A 102 8.40 -1.12 21.85
C LEU A 102 8.19 -1.36 23.35
N HIS A 103 6.99 -1.05 23.84
CA HIS A 103 6.75 -0.99 25.28
C HIS A 103 5.99 -2.19 25.83
N ALA A 104 5.22 -2.89 25.00
CA ALA A 104 4.44 -4.03 25.47
C ALA A 104 5.04 -5.38 25.09
N SER A 105 5.60 -5.51 23.89
CA SER A 105 6.15 -6.79 23.46
C SER A 105 7.56 -7.01 23.97
N GLU A 106 8.25 -5.97 24.43
CA GLU A 106 9.63 -6.07 24.92
C GLU A 106 10.54 -6.72 23.89
N THR A 107 10.37 -6.31 22.63
CA THR A 107 11.15 -6.82 21.51
C THR A 107 12.15 -5.75 21.09
N LYS A 108 13.43 -6.11 21.09
CA LYS A 108 14.47 -5.17 20.69
C LYS A 108 14.61 -5.19 19.17
N PHE A 109 14.64 -4.00 18.57
CA PHE A 109 14.79 -3.83 17.13
C PHE A 109 16.26 -3.61 16.76
N GLU A 110 16.62 -4.07 15.57
CA GLU A 110 17.90 -3.68 15.00
C GLU A 110 17.85 -2.20 14.64
N MET A 111 19.00 -1.53 14.79
CA MET A 111 19.05 -0.09 14.54
C MET A 111 18.63 0.25 13.11
N LYS A 112 18.96 -0.63 12.15
CA LYS A 112 18.55 -0.40 10.77
C LYS A 112 17.03 -0.37 10.63
N LYS A 113 16.33 -1.24 11.35
CA LYS A 113 14.87 -1.22 11.31
C LYS A 113 14.32 0.03 11.97
N LEU A 114 14.95 0.47 13.07
CA LEU A 114 14.49 1.67 13.78
C LEU A 114 14.58 2.89 12.87
N ILE A 115 15.74 3.12 12.25
CA ILE A 115 15.87 4.27 11.35
C ILE A 115 14.95 4.12 10.16
N ASP A 116 14.73 2.87 9.70
CA ASP A 116 13.77 2.65 8.63
C ASP A 116 12.35 3.02 9.07
N ILE A 117 11.99 2.68 10.31
CA ILE A 117 10.68 3.05 10.83
C ILE A 117 10.54 4.56 10.88
N ALA A 118 11.54 5.25 11.47
CA ALA A 118 11.52 6.71 11.50
C ALA A 118 11.51 7.29 10.09
N ARG A 119 12.27 6.68 9.18
CA ARG A 119 12.28 7.13 7.79
C ARG A 119 10.89 6.98 7.16
N GLN A 120 10.25 5.83 7.37
CA GLN A 120 8.92 5.61 6.79
C GLN A 120 7.89 6.55 7.39
N THR A 121 7.90 6.72 8.71
CA THR A 121 6.98 7.66 9.35
C THR A 121 7.22 9.08 8.87
N ALA A 122 8.49 9.45 8.65
CA ALA A 122 8.80 10.78 8.14
C ALA A 122 8.18 11.01 6.77
N ARG A 123 8.19 9.99 5.91
CA ARG A 123 7.62 10.13 4.57
C ARG A 123 6.13 10.43 4.63
N GLY A 124 5.39 9.64 5.41
CA GLY A 124 3.94 9.84 5.49
C GLY A 124 3.57 11.18 6.10
N MET A 125 4.26 11.56 7.19
CA MET A 125 3.98 12.84 7.82
C MET A 125 4.30 14.01 6.89
N ASP A 126 5.45 13.94 6.21
CA ASP A 126 5.79 14.95 5.22
C ASP A 126 4.74 15.00 4.10
N TYR A 127 4.23 13.84 3.70
CA TYR A 127 3.17 13.80 2.70
C TYR A 127 1.90 14.49 3.22
N LEU A 128 1.55 14.24 4.47
CA LEU A 128 0.36 14.89 5.05
C LEU A 128 0.52 16.40 5.09
N HIS A 129 1.64 16.87 5.64
CA HIS A 129 1.87 18.32 5.72
C HIS A 129 1.97 18.95 4.33
N ALA A 130 2.50 18.21 3.35
CA ALA A 130 2.53 18.72 1.98
C ALA A 130 1.12 18.93 1.44
N LYS A 131 0.17 18.11 1.88
CA LYS A 131 -1.23 18.26 1.50
C LYS A 131 -2.00 19.19 2.43
N SER A 132 -1.28 19.97 3.24
CA SER A 132 -1.91 20.89 4.21
C SER A 132 -2.82 20.13 5.16
N ILE A 133 -2.40 18.91 5.52
CA ILE A 133 -3.14 18.06 6.45
C ILE A 133 -2.35 17.98 7.74
N ILE A 134 -3.03 18.22 8.86
CA ILE A 134 -2.43 18.17 10.19
C ILE A 134 -2.95 16.91 10.88
N HIS A 135 -2.04 16.06 11.34
CA HIS A 135 -2.39 14.88 12.13
C HIS A 135 -2.25 15.29 13.59
N ARG A 136 -3.36 15.77 14.16
CA ARG A 136 -3.29 16.44 15.46
C ARG A 136 -2.80 15.52 16.58
N ASP A 137 -3.09 14.23 16.49
CA ASP A 137 -2.65 13.27 17.50
C ASP A 137 -1.70 12.27 16.83
N LEU A 138 -0.41 12.54 16.92
CA LEU A 138 0.62 11.65 16.39
C LEU A 138 1.40 11.06 17.55
N LYS A 139 1.45 9.73 17.62
CA LYS A 139 2.13 9.06 18.71
C LYS A 139 2.43 7.63 18.28
N SER A 140 3.16 6.91 19.12
CA SER A 140 3.56 5.54 18.79
C SER A 140 2.34 4.62 18.64
N ASN A 141 1.26 4.91 19.37
CA ASN A 141 0.04 4.12 19.23
C ASN A 141 -0.56 4.28 17.85
N ASN A 142 -0.48 5.47 17.26
CA ASN A 142 -1.07 5.75 15.97
C ASN A 142 -0.16 5.39 14.79
N ILE A 143 0.91 4.65 15.04
CA ILE A 143 1.78 4.14 13.98
C ILE A 143 1.64 2.62 13.96
N PHE A 144 1.13 2.10 12.85
CA PHE A 144 0.89 0.67 12.70
C PHE A 144 1.90 0.08 11.73
N LEU A 145 2.41 -1.09 12.07
CA LEU A 145 3.38 -1.81 11.25
C LEU A 145 2.65 -2.89 10.47
N HIS A 146 2.37 -2.60 9.20
CA HIS A 146 1.75 -3.60 8.33
C HIS A 146 2.77 -4.71 8.08
N GLU A 147 2.33 -5.96 8.25
CA GLU A 147 3.23 -7.10 8.35
C GLU A 147 4.14 -6.84 9.54
N ASP A 148 5.37 -6.39 9.26
CA ASP A 148 6.31 -5.97 10.30
C ASP A 148 7.32 -4.98 9.73
N ASN A 149 7.24 -4.72 8.41
CA ASN A 149 8.21 -3.87 7.74
C ASN A 149 7.65 -2.54 7.27
N THR A 150 6.38 -2.47 6.91
CA THR A 150 5.77 -1.25 6.38
C THR A 150 4.93 -0.59 7.47
N VAL A 151 5.14 0.71 7.66
CA VAL A 151 4.43 1.48 8.67
C VAL A 151 3.25 2.17 8.02
N LYS A 152 2.11 2.16 8.71
CA LYS A 152 0.91 2.86 8.26
C LYS A 152 0.48 3.85 9.34
N ILE A 153 0.29 5.10 8.94
CA ILE A 153 -0.10 6.17 9.86
C ILE A 153 -1.60 6.36 9.76
N GLY A 154 -2.28 6.39 10.91
CA GLY A 154 -3.72 6.56 10.92
C GLY A 154 -4.17 7.06 12.28
N ASP A 155 -5.49 7.24 12.38
CA ASP A 155 -6.13 7.68 13.62
C ASP A 155 -6.80 6.48 14.30
N PHE A 156 -5.94 5.60 14.84
CA PHE A 156 -6.41 4.39 15.50
C PHE A 156 -6.98 4.70 16.88
N GLY A 157 -7.94 5.61 16.96
CA GLY A 157 -8.54 5.98 18.23
C GLY A 157 -10.04 6.21 18.13
N SER A 175 -6.14 13.41 25.78
CA SER A 175 -5.96 13.16 27.20
C SER A 175 -5.00 11.98 27.41
N GLY A 176 -5.22 10.91 26.64
CA GLY A 176 -4.40 9.70 26.73
C GLY A 176 -3.00 9.84 26.17
N SER A 177 -2.73 10.93 25.47
CA SER A 177 -1.49 11.11 24.73
C SER A 177 -0.76 12.37 25.13
N ILE A 178 -0.70 12.64 26.44
CA ILE A 178 -0.06 13.87 26.94
C ILE A 178 1.41 13.89 26.57
N LEU A 179 2.08 12.73 26.69
CA LEU A 179 3.52 12.64 26.49
C LEU A 179 3.96 13.18 25.13
N TRP A 180 3.11 13.07 24.10
CA TRP A 180 3.45 13.55 22.77
C TRP A 180 3.04 15.00 22.54
N MET A 181 2.34 15.62 23.49
CA MET A 181 1.84 16.97 23.32
C MET A 181 2.95 18.00 23.49
N ALA A 182 2.98 18.97 22.59
CA ALA A 182 3.98 20.03 22.62
C ALA A 182 3.69 21.02 23.74
N PRO A 183 4.69 21.80 24.15
CA PRO A 183 4.46 22.81 25.20
C PRO A 183 3.30 23.75 24.93
N GLU A 184 3.17 24.26 23.69
CA GLU A 184 2.11 25.24 23.42
C GLU A 184 0.72 24.61 23.52
N VAL A 185 0.55 23.37 23.02
CA VAL A 185 -0.75 22.74 23.11
C VAL A 185 -1.09 22.39 24.55
N ILE A 186 -0.07 22.10 25.37
CA ILE A 186 -0.31 21.87 26.80
C ILE A 186 -0.82 23.15 27.46
N ARG A 187 -0.17 24.28 27.16
CA ARG A 187 -0.56 25.55 27.77
C ARG A 187 -1.96 25.97 27.34
N MET A 188 -2.29 25.80 26.07
CA MET A 188 -3.60 26.19 25.56
C MET A 188 -4.11 25.18 24.54
N PRO A 193 -2.51 26.87 18.30
CA PRO A 193 -2.22 25.71 19.15
C PRO A 193 -1.76 24.50 18.35
N TYR A 194 -2.70 23.73 17.80
CA TYR A 194 -2.36 22.60 16.95
C TYR A 194 -1.90 23.10 15.59
N SER A 195 -0.73 22.64 15.16
CA SER A 195 -0.13 23.12 13.92
C SER A 195 0.92 22.10 13.47
N PHE A 196 1.56 22.41 12.34
CA PHE A 196 2.67 21.58 11.87
C PHE A 196 3.75 21.46 12.93
N GLN A 197 3.98 22.54 13.68
CA GLN A 197 4.99 22.52 14.74
C GLN A 197 4.62 21.57 15.85
N SER A 198 3.31 21.46 16.17
CA SER A 198 2.88 20.47 17.15
C SER A 198 3.10 19.06 16.63
N ASP A 199 2.93 18.84 15.33
CA ASP A 199 3.11 17.50 14.76
C ASP A 199 4.56 17.08 14.78
N VAL A 200 5.48 17.97 14.41
CA VAL A 200 6.89 17.60 14.37
C VAL A 200 7.43 17.35 15.78
N TYR A 201 6.91 18.05 16.78
CA TYR A 201 7.26 17.74 18.16
C TYR A 201 6.84 16.31 18.52
N ALA A 202 5.61 15.94 18.17
CA ALA A 202 5.15 14.58 18.41
C ALA A 202 6.03 13.57 17.70
N PHE A 203 6.52 13.92 16.50
CA PHE A 203 7.48 13.06 15.81
C PHE A 203 8.75 12.89 16.62
N GLY A 204 9.14 13.94 17.36
CA GLY A 204 10.34 13.84 18.19
C GLY A 204 10.24 12.80 19.28
N ILE A 205 9.09 12.74 19.96
CA ILE A 205 8.91 11.73 21.01
C ILE A 205 8.96 10.33 20.41
N VAL A 206 8.36 10.15 19.23
CA VAL A 206 8.45 8.86 18.55
C VAL A 206 9.90 8.51 18.26
N LEU A 207 10.70 9.51 17.85
CA LEU A 207 12.13 9.29 17.72
C LEU A 207 12.76 8.91 19.05
N TYR A 208 12.36 9.57 20.13
CA TYR A 208 12.85 9.20 21.45
C TYR A 208 12.44 7.78 21.81
N GLU A 209 11.19 7.42 21.53
CA GLU A 209 10.73 6.07 21.79
C GLU A 209 11.53 5.05 20.99
N LEU A 210 11.73 5.31 19.69
CA LEU A 210 12.45 4.36 18.85
C LEU A 210 13.88 4.17 19.31
N MET A 211 14.59 5.27 19.59
CA MET A 211 16.01 5.18 19.92
C MET A 211 16.21 4.65 21.34
N THR A 212 15.50 5.21 22.32
CA THR A 212 15.68 4.78 23.70
C THR A 212 15.04 3.42 23.94
N GLY A 213 13.89 3.15 23.32
CA GLY A 213 13.18 1.92 23.55
C GLY A 213 12.18 1.98 24.68
N GLN A 214 11.91 3.17 25.23
CA GLN A 214 11.04 3.31 26.38
C GLN A 214 10.35 4.66 26.30
N LEU A 215 9.24 4.78 27.03
CA LEU A 215 8.45 6.01 27.03
C LEU A 215 9.25 7.17 27.63
N PRO A 216 9.01 8.39 27.16
CA PRO A 216 9.70 9.55 27.74
C PRO A 216 9.14 9.86 29.13
N TYR A 217 9.93 10.63 29.89
CA TYR A 217 9.58 11.01 31.25
C TYR A 217 9.35 9.75 32.10
N SER A 218 10.18 8.73 31.87
CA SER A 218 10.06 7.47 32.59
C SER A 218 10.30 7.64 34.08
N ASN A 219 11.17 8.59 34.46
CA ASN A 219 11.50 8.76 35.87
C ASN A 219 10.27 9.13 36.69
N ILE A 220 9.43 10.01 36.18
CA ILE A 220 8.27 10.49 36.92
C ILE A 220 7.20 9.39 37.00
N ASN A 222 1.88 12.25 39.66
CA ASN A 222 2.95 12.01 38.69
C ASN A 222 2.61 12.64 37.34
N ARG A 223 1.41 12.35 36.83
CA ARG A 223 1.00 12.90 35.55
C ARG A 223 0.82 14.41 35.62
N ASP A 224 0.26 14.92 36.73
CA ASP A 224 0.15 16.36 36.91
C ASP A 224 1.53 17.00 37.02
N GLN A 225 2.47 16.31 37.67
CA GLN A 225 3.84 16.81 37.75
C GLN A 225 4.47 16.92 36.36
N ILE A 226 4.22 15.93 35.50
CA ILE A 226 4.75 15.98 34.14
C ILE A 226 4.11 17.11 33.35
N ILE A 227 2.78 17.27 33.47
CA ILE A 227 2.08 18.29 32.70
C ILE A 227 2.59 19.68 33.06
N GLU A 228 2.68 19.98 34.36
CA GLU A 228 3.12 21.31 34.78
C GLU A 228 4.56 21.57 34.39
N MET A 229 5.44 20.59 34.61
CA MET A 229 6.86 20.79 34.31
C MET A 229 7.09 20.93 32.81
N VAL A 230 6.49 20.04 32.01
CA VAL A 230 6.64 20.14 30.56
C VAL A 230 5.95 21.39 30.04
N GLY A 231 4.75 21.68 30.54
CA GLY A 231 4.03 22.86 30.09
C GLY A 231 4.77 24.15 30.37
N ARG A 232 5.38 24.26 31.56
CA ARG A 232 6.18 25.41 31.90
C ARG A 232 7.57 25.38 31.27
N GLY A 233 7.92 24.29 30.61
CA GLY A 233 9.23 24.14 30.00
C GLY A 233 10.32 23.61 30.91
N SER A 234 9.99 23.34 32.18
CA SER A 234 11.00 22.85 33.12
C SER A 234 11.50 21.46 32.75
N LEU A 235 10.64 20.63 32.16
CA LEU A 235 10.96 19.22 31.92
C LEU A 235 11.14 18.97 30.44
N SER A 236 12.08 18.08 30.11
CA SER A 236 12.36 17.65 28.75
C SER A 236 12.86 16.22 28.80
N PRO A 237 12.65 15.44 27.74
CA PRO A 237 13.12 14.05 27.75
C PRO A 237 14.63 13.94 27.90
N ASP A 238 15.05 12.85 28.54
CA ASP A 238 16.46 12.63 28.88
C ASP A 238 17.14 11.96 27.69
N LEU A 239 17.92 12.73 26.94
CA LEU A 239 18.59 12.20 25.75
C LEU A 239 19.72 11.24 26.10
N SER A 240 20.23 11.27 27.33
CA SER A 240 21.31 10.36 27.71
C SER A 240 20.86 8.90 27.67
N LYS A 241 19.58 8.64 27.94
CA LYS A 241 19.06 7.27 27.94
C LYS A 241 19.10 6.61 26.57
N VAL A 242 19.49 7.34 25.53
CA VAL A 242 19.51 6.78 24.19
C VAL A 242 20.52 5.64 24.11
N ARG A 243 20.25 4.70 23.20
CA ARG A 243 21.15 3.57 22.99
C ARG A 243 22.49 4.04 22.42
N SER A 244 23.52 3.23 22.64
CA SER A 244 24.86 3.58 22.17
C SER A 244 24.92 3.62 20.64
N ASN A 245 24.28 2.66 19.98
CA ASN A 245 24.33 2.57 18.53
C ASN A 245 23.60 3.71 17.82
N CYS A 246 22.90 4.58 18.56
CA CYS A 246 22.17 5.68 17.94
C CYS A 246 23.15 6.60 17.21
N PRO A 247 22.90 6.91 15.93
CA PRO A 247 23.79 7.83 15.20
C PRO A 247 23.78 9.23 15.83
N LYS A 248 24.91 9.92 15.70
CA LYS A 248 25.01 11.27 16.24
C LYS A 248 24.01 12.21 15.58
N ARG A 249 23.82 12.07 14.27
CA ARG A 249 22.90 12.95 13.54
C ARG A 249 21.47 12.75 14.02
N MET A 250 21.09 11.51 14.34
CA MET A 250 19.73 11.24 14.81
C MET A 250 19.44 11.95 16.12
N LYS A 251 20.37 11.86 17.07
CA LYS A 251 20.19 12.54 18.36
C LYS A 251 20.08 14.05 18.17
N ARG A 252 20.93 14.63 17.33
CA ARG A 252 20.82 16.05 17.02
C ARG A 252 19.50 16.36 16.32
N LEU A 253 19.11 15.51 15.37
CA LEU A 253 17.82 15.68 14.72
C LEU A 253 16.68 15.51 15.72
N MET A 254 16.78 14.51 16.60
CA MET A 254 15.77 14.31 17.63
C MET A 254 15.65 15.55 18.52
N ALA A 255 16.79 16.08 18.97
CA ALA A 255 16.78 17.27 19.82
C ALA A 255 16.16 18.47 19.11
N GLU A 256 16.43 18.61 17.80
CA GLU A 256 15.87 19.73 17.05
C GLU A 256 14.35 19.68 17.01
N CYS A 257 13.78 18.48 16.86
CA CYS A 257 12.33 18.35 16.86
C CYS A 257 11.72 18.69 18.21
N LEU A 258 12.45 18.42 19.29
CA LEU A 258 11.96 18.66 20.64
C LEU A 258 12.19 20.09 21.12
N LYS A 259 12.56 21.01 20.22
CA LYS A 259 12.80 22.38 20.61
C LYS A 259 11.55 23.01 21.21
N LYS A 260 11.72 23.70 22.35
CA LYS A 260 10.57 24.30 23.02
C LYS A 260 9.94 25.39 22.16
N LYS A 261 10.76 26.18 21.47
CA LYS A 261 10.23 27.21 20.59
C LYS A 261 9.62 26.57 19.35
N ARG A 262 8.36 26.94 19.06
CA ARG A 262 7.65 26.34 17.94
C ARG A 262 8.36 26.62 16.63
N ASP A 263 8.73 27.88 16.40
CA ASP A 263 9.41 28.24 15.16
C ASP A 263 10.77 27.58 15.04
N GLU A 264 11.40 27.24 16.18
CA GLU A 264 12.71 26.62 16.14
C GLU A 264 12.66 25.23 15.52
N ARG A 265 11.51 24.55 15.58
CA ARG A 265 11.43 23.19 15.08
C ARG A 265 11.59 23.16 13.56
N PRO A 266 12.29 22.17 13.03
CA PRO A 266 12.44 22.07 11.57
C PRO A 266 11.19 21.52 10.92
N SER A 267 11.06 21.82 9.63
CA SER A 267 9.94 21.33 8.85
C SER A 267 10.14 19.87 8.46
N PHE A 268 9.05 19.22 8.08
CA PHE A 268 9.09 17.81 7.71
C PHE A 268 9.88 17.56 6.42
N PRO A 269 9.82 18.45 5.41
CA PRO A 269 10.72 18.25 4.26
C PRO A 269 12.18 18.21 4.65
N ARG A 270 12.60 19.04 5.60
CA ARG A 270 14.00 19.05 6.03
C ARG A 270 14.37 17.77 6.75
N ILE A 271 13.53 17.35 7.71
CA ILE A 271 13.88 16.18 8.50
C ILE A 271 13.76 14.90 7.69
N LEU A 272 12.83 14.84 6.73
CA LEU A 272 12.77 13.69 5.85
C LEU A 272 14.03 13.57 5.02
N ALA A 273 14.52 14.69 4.49
CA ALA A 273 15.76 14.67 3.72
C ALA A 273 16.93 14.24 4.58
N GLU A 274 16.96 14.69 5.84
CA GLU A 274 18.06 14.34 6.74
C GLU A 274 18.08 12.85 7.03
N ILE A 275 16.91 12.29 7.40
CA ILE A 275 16.84 10.86 7.71
C ILE A 275 17.20 10.03 6.49
N GLU A 276 16.59 10.36 5.35
CA GLU A 276 16.84 9.59 4.13
C GLU A 276 18.30 9.69 3.70
N GLU A 277 18.91 10.87 3.85
CA GLU A 277 20.33 11.01 3.60
C GLU A 277 21.14 10.14 4.56
N LEU A 278 20.78 10.16 5.85
CA LEU A 278 21.45 9.30 6.82
C LEU A 278 21.18 7.83 6.51
N ALA A 279 19.92 7.49 6.19
CA ALA A 279 19.61 6.11 5.83
C ALA A 279 20.36 5.69 4.57
N ARG A 280 20.53 6.62 3.62
CA ARG A 280 21.29 6.31 2.41
C ARG A 280 22.74 5.99 2.75
N GLU A 281 23.35 6.83 3.60
CA GLU A 281 24.74 6.60 4.00
C GLU A 281 24.90 5.24 4.67
N LEU A 282 23.99 4.92 5.60
CA LEU A 282 24.03 3.60 6.23
C LEU A 282 23.76 2.50 5.21
N SER A 283 22.82 2.73 4.31
CA SER A 283 22.48 1.80 3.22
C SER A 283 22.21 0.38 3.74
N ASP B 10 -6.77 17.60 -9.89
CA ASP B 10 -6.93 17.39 -8.45
C ASP B 10 -5.73 16.67 -7.86
N TRP B 11 -5.17 15.72 -8.62
CA TRP B 11 -3.99 14.98 -8.20
C TRP B 11 -2.74 15.45 -8.93
N GLU B 12 -2.69 16.72 -9.32
CA GLU B 12 -1.56 17.26 -10.05
C GLU B 12 -0.46 17.70 -9.10
N ILE B 13 0.77 17.31 -9.38
CA ILE B 13 1.93 17.67 -8.59
C ILE B 13 2.60 18.87 -9.27
N PRO B 14 2.66 20.03 -8.61
CA PRO B 14 3.33 21.18 -9.23
C PRO B 14 4.79 20.86 -9.56
N ASP B 15 5.31 21.57 -10.56
CA ASP B 15 6.67 21.33 -11.01
C ASP B 15 7.68 21.66 -9.91
N GLY B 16 8.81 20.98 -9.96
CA GLY B 16 9.89 21.20 -9.01
C GLY B 16 9.91 20.27 -7.81
N GLN B 17 8.77 19.66 -7.46
CA GLN B 17 8.77 18.76 -6.31
C GLN B 17 9.44 17.43 -6.65
N ILE B 18 9.15 16.88 -7.82
CA ILE B 18 9.65 15.55 -8.18
C ILE B 18 11.09 15.67 -8.68
N THR B 19 11.96 14.83 -8.15
CA THR B 19 13.36 14.73 -8.59
C THR B 19 13.52 13.40 -9.30
N VAL B 20 13.85 13.45 -10.59
CA VAL B 20 13.92 12.28 -11.45
C VAL B 20 15.31 11.67 -11.38
N GLY B 21 15.37 10.34 -11.27
CA GLY B 21 16.65 9.67 -11.13
C GLY B 21 16.98 8.72 -12.27
N GLN B 22 17.46 7.53 -11.93
CA GLN B 22 17.94 6.58 -12.91
C GLN B 22 16.80 6.10 -13.82
N ARG B 23 17.13 5.84 -15.07
CA ARG B 23 16.17 5.30 -16.02
C ARG B 23 16.08 3.79 -15.85
N ILE B 24 14.86 3.26 -15.91
CA ILE B 24 14.59 1.86 -15.61
C ILE B 24 14.02 1.12 -16.82
N GLY B 25 12.93 1.63 -17.39
CA GLY B 25 12.27 0.96 -18.48
C GLY B 25 11.74 1.94 -19.51
N SER B 26 11.46 1.40 -20.69
CA SER B 26 10.93 2.20 -21.79
C SER B 26 9.75 1.49 -22.46
N PHE B 29 4.26 3.10 -24.08
CA PHE B 29 4.31 4.47 -24.58
C PHE B 29 4.85 5.41 -23.51
N GLY B 30 6.12 5.24 -23.17
CA GLY B 30 6.73 6.07 -22.15
C GLY B 30 7.94 5.39 -21.56
N THR B 31 8.69 6.18 -20.78
CA THR B 31 9.86 5.69 -20.07
C THR B 31 9.66 5.95 -18.59
N VAL B 32 10.13 5.02 -17.75
CA VAL B 32 9.93 5.08 -16.31
C VAL B 32 11.27 5.30 -15.62
N TYR B 33 11.24 6.11 -14.56
CA TYR B 33 12.41 6.40 -13.74
C TYR B 33 12.04 6.22 -12.27
N LYS B 34 13.02 5.84 -11.47
CA LYS B 34 12.87 5.94 -10.02
C LYS B 34 13.08 7.39 -9.60
N GLY B 35 12.20 7.88 -8.73
CA GLY B 35 12.22 9.28 -8.35
C GLY B 35 12.01 9.44 -6.86
N LYS B 36 12.17 10.68 -6.41
CA LYS B 36 12.00 11.05 -5.01
C LYS B 36 10.90 12.09 -4.92
N TRP B 37 9.76 11.69 -4.37
CA TRP B 37 8.63 12.59 -4.09
C TRP B 37 7.99 12.10 -2.80
N HIS B 38 8.34 12.76 -1.69
CA HIS B 38 7.97 12.29 -0.35
C HIS B 38 8.41 10.85 -0.15
N GLY B 39 9.59 10.53 -0.67
CA GLY B 39 10.14 9.19 -0.62
C GLY B 39 10.26 8.57 -2.00
N ASP B 40 10.58 7.27 -2.00
CA ASP B 40 10.81 6.55 -3.24
C ASP B 40 9.51 6.42 -4.03
N VAL B 41 9.57 6.80 -5.31
CA VAL B 41 8.43 6.72 -6.23
C VAL B 41 8.95 6.34 -7.60
N ALA B 42 8.04 5.88 -8.45
CA ALA B 42 8.32 5.61 -9.84
C ALA B 42 7.58 6.61 -10.72
N VAL B 43 8.27 7.13 -11.73
CA VAL B 43 7.72 8.16 -12.61
C VAL B 43 7.78 7.63 -14.03
N LYS B 44 6.61 7.57 -14.68
CA LYS B 44 6.49 7.17 -16.08
C LYS B 44 6.24 8.42 -16.91
N MET B 45 7.19 8.75 -17.79
CA MET B 45 7.14 10.01 -18.53
C MET B 45 6.87 9.76 -20.00
N LEU B 46 6.22 10.75 -20.63
CA LEU B 46 6.09 10.81 -22.07
C LEU B 46 7.13 11.80 -22.58
N ASN B 47 7.95 11.37 -23.53
CA ASN B 47 9.04 12.20 -24.01
C ASN B 47 8.66 13.05 -25.21
N VAL B 48 7.36 13.16 -25.51
CA VAL B 48 6.91 14.01 -26.60
C VAL B 48 7.11 15.47 -26.21
N THR B 49 7.64 16.26 -27.16
CA THR B 49 7.92 17.66 -26.88
C THR B 49 6.62 18.43 -26.65
N ALA B 50 5.74 18.45 -27.64
CA ALA B 50 4.43 19.07 -27.51
C ALA B 50 3.37 17.99 -27.42
N PRO B 51 2.49 18.03 -26.42
CA PRO B 51 1.46 16.98 -26.28
C PRO B 51 0.37 17.14 -27.32
N THR B 52 0.23 16.15 -28.20
CA THR B 52 -0.84 16.14 -29.17
C THR B 52 -2.16 15.85 -28.46
N PRO B 53 -3.29 16.33 -29.00
CA PRO B 53 -4.59 16.04 -28.37
C PRO B 53 -4.84 14.55 -28.12
N GLN B 54 -4.50 13.68 -29.07
CA GLN B 54 -4.67 12.25 -28.84
C GLN B 54 -3.74 11.74 -27.75
N GLN B 55 -2.47 12.15 -27.78
CA GLN B 55 -1.54 11.73 -26.73
C GLN B 55 -1.98 12.22 -25.36
N LEU B 56 -2.42 13.48 -25.27
CA LEU B 56 -2.96 13.98 -24.02
C LEU B 56 -4.24 13.23 -23.64
N GLN B 57 -5.05 12.87 -24.63
CA GLN B 57 -6.28 12.13 -24.35
C GLN B 57 -5.97 10.75 -23.75
N ALA B 58 -5.02 10.03 -24.34
CA ALA B 58 -4.60 8.75 -23.78
C ALA B 58 -4.01 8.94 -22.39
N PHE B 59 -3.24 10.01 -22.19
CA PHE B 59 -2.73 10.34 -20.87
C PHE B 59 -3.86 10.61 -19.89
N LYS B 60 -4.85 11.39 -20.33
CA LYS B 60 -6.01 11.67 -19.48
C LYS B 60 -6.78 10.40 -19.16
N ASN B 61 -6.99 9.54 -20.15
CA ASN B 61 -7.75 8.31 -19.93
C ASN B 61 -7.02 7.38 -18.97
N GLU B 62 -5.71 7.26 -19.10
CA GLU B 62 -4.94 6.40 -18.21
C GLU B 62 -5.02 6.90 -16.76
N VAL B 63 -4.96 8.22 -16.56
CA VAL B 63 -5.11 8.78 -15.24
C VAL B 63 -6.50 8.49 -14.69
N GLY B 64 -7.52 8.55 -15.56
CA GLY B 64 -8.88 8.30 -15.12
C GLY B 64 -9.07 6.89 -14.58
N VAL B 65 -8.45 5.90 -15.21
CA VAL B 65 -8.56 4.52 -14.74
C VAL B 65 -7.81 4.37 -13.42
N LEU B 66 -6.60 4.91 -13.33
CA LEU B 66 -5.78 4.73 -12.13
C LEU B 66 -6.42 5.39 -10.91
N ARG B 67 -7.03 6.56 -11.10
CA ARG B 67 -7.63 7.27 -9.98
C ARG B 67 -8.76 6.47 -9.34
N LYS B 68 -9.43 5.62 -10.10
CA LYS B 68 -10.53 4.81 -9.60
C LYS B 68 -10.08 3.62 -8.76
N THR B 69 -8.78 3.42 -8.57
CA THR B 69 -8.26 2.24 -7.88
C THR B 69 -7.71 2.62 -6.52
N ARG B 70 -8.20 1.92 -5.47
CA ARG B 70 -7.68 2.08 -4.11
C ARG B 70 -7.71 0.68 -3.46
N HIS B 71 -6.73 -0.14 -3.82
CA HIS B 71 -6.63 -1.50 -3.31
C HIS B 71 -5.16 -1.83 -3.04
N VAL B 72 -4.94 -2.64 -2.01
CA VAL B 72 -3.57 -2.97 -1.61
C VAL B 72 -2.85 -3.74 -2.71
N ASN B 73 -3.55 -4.68 -3.36
CA ASN B 73 -2.95 -5.50 -4.39
C ASN B 73 -2.90 -4.80 -5.75
N ILE B 74 -3.36 -3.56 -5.84
CA ILE B 74 -3.23 -2.74 -7.03
C ILE B 74 -2.13 -1.72 -6.80
N LEU B 75 -1.31 -1.50 -7.82
CA LEU B 75 -0.21 -0.53 -7.71
C LEU B 75 -0.76 0.84 -7.35
N LEU B 76 -0.28 1.39 -6.24
CA LEU B 76 -0.80 2.67 -5.75
C LEU B 76 -0.45 3.79 -6.73
N PHE B 77 -1.48 4.52 -7.16
CA PHE B 77 -1.32 5.67 -8.05
C PHE B 77 -1.24 6.92 -7.19
N MET B 78 -0.06 7.56 -7.17
CA MET B 78 0.13 8.70 -6.29
C MET B 78 -0.27 10.03 -6.93
N GLY B 79 -0.10 10.18 -8.24
CA GLY B 79 -0.49 11.42 -8.87
C GLY B 79 0.03 11.50 -10.30
N TYR B 80 -0.18 12.68 -10.89
CA TYR B 80 0.26 12.97 -12.24
C TYR B 80 0.81 14.38 -12.32
N SER B 81 1.78 14.59 -13.21
CA SER B 81 2.37 15.90 -13.43
C SER B 81 2.30 16.24 -14.92
N THR B 82 2.14 17.52 -15.21
CA THR B 82 1.98 17.98 -16.60
C THR B 82 2.98 19.04 -17.01
N LYS B 83 3.34 19.96 -16.11
CA LYS B 83 4.11 21.15 -16.50
C LYS B 83 5.49 20.81 -17.04
N PRO B 84 6.37 20.09 -16.30
CA PRO B 84 7.70 19.79 -16.85
C PRO B 84 7.58 18.81 -18.01
N GLN B 85 6.85 17.72 -17.78
CA GLN B 85 6.51 16.76 -18.83
C GLN B 85 5.30 15.97 -18.36
N LEU B 86 4.58 15.38 -19.30
CA LEU B 86 3.46 14.55 -18.96
C LEU B 86 3.97 13.27 -18.29
N ALA B 87 3.55 13.04 -17.05
CA ALA B 87 4.07 11.92 -16.28
C ALA B 87 3.04 11.46 -15.27
N ILE B 88 3.17 10.20 -14.88
CA ILE B 88 2.35 9.60 -13.82
C ILE B 88 3.31 9.06 -12.78
N VAL B 89 3.07 9.42 -11.51
CA VAL B 89 3.92 9.00 -10.40
C VAL B 89 3.14 7.99 -9.58
N THR B 90 3.80 6.88 -9.24
CA THR B 90 3.19 5.80 -8.47
C THR B 90 4.12 5.38 -7.36
N GLN B 91 3.62 4.50 -6.49
CA GLN B 91 4.43 3.96 -5.42
C GLN B 91 5.60 3.16 -5.98
N TRP B 92 6.73 3.21 -5.28
CA TRP B 92 7.90 2.44 -5.67
C TRP B 92 7.87 1.07 -5.00
N CYS B 93 7.97 0.02 -5.79
CA CYS B 93 7.97 -1.35 -5.29
C CYS B 93 9.40 -1.88 -5.28
N GLU B 94 9.83 -2.39 -4.13
CA GLU B 94 11.16 -2.94 -3.97
C GLU B 94 11.07 -4.46 -4.11
N GLY B 95 11.81 -5.01 -5.09
CA GLY B 95 11.76 -6.43 -5.37
C GLY B 95 11.78 -6.72 -6.85
N SER B 96 11.17 -7.83 -7.27
CA SER B 96 11.12 -8.19 -8.67
C SER B 96 9.75 -8.78 -8.99
N SER B 97 9.45 -8.82 -10.29
CA SER B 97 8.15 -9.28 -10.76
C SER B 97 8.01 -10.79 -10.56
N LEU B 98 6.77 -11.26 -10.71
CA LEU B 98 6.50 -12.69 -10.55
C LEU B 98 7.24 -13.51 -11.61
N TYR B 99 7.35 -12.98 -12.82
CA TYR B 99 8.09 -13.68 -13.88
C TYR B 99 9.53 -13.92 -13.47
N HIS B 100 10.18 -12.90 -12.91
CA HIS B 100 11.57 -13.06 -12.50
C HIS B 100 11.71 -14.07 -11.37
N HIS B 101 10.80 -14.04 -10.40
CA HIS B 101 10.87 -14.96 -9.27
C HIS B 101 10.61 -16.40 -9.71
N LEU B 102 9.65 -16.60 -10.61
CA LEU B 102 9.26 -17.96 -10.99
C LEU B 102 10.26 -18.58 -11.97
N HIS B 103 10.61 -17.86 -13.03
CA HIS B 103 11.37 -18.46 -14.12
C HIS B 103 12.85 -18.09 -14.12
N ALA B 104 13.24 -16.98 -13.51
CA ALA B 104 14.64 -16.57 -13.47
C ALA B 104 15.25 -16.83 -12.11
N SER B 105 15.05 -18.04 -11.59
CA SER B 105 15.54 -18.39 -10.26
C SER B 105 15.66 -19.90 -10.10
N THR B 107 15.10 -20.01 -6.98
CA THR B 107 14.37 -20.04 -5.73
C THR B 107 12.96 -20.62 -5.92
N LYS B 108 12.71 -21.73 -5.24
CA LYS B 108 11.41 -22.36 -5.24
C LYS B 108 10.53 -21.78 -4.13
N PHE B 109 9.27 -21.51 -4.46
CA PHE B 109 8.35 -21.00 -3.47
C PHE B 109 7.65 -22.15 -2.75
N GLU B 110 7.35 -21.94 -1.47
CA GLU B 110 6.53 -22.88 -0.74
C GLU B 110 5.09 -22.84 -1.24
N MET B 111 4.43 -24.00 -1.17
CA MET B 111 3.06 -24.10 -1.67
C MET B 111 2.15 -23.12 -0.96
N LYS B 112 2.38 -22.89 0.33
CA LYS B 112 1.61 -21.88 1.06
C LYS B 112 1.85 -20.49 0.49
N LYS B 113 3.10 -20.19 0.13
CA LYS B 113 3.40 -18.90 -0.47
C LYS B 113 2.81 -18.78 -1.87
N LEU B 114 2.82 -19.87 -2.63
CA LEU B 114 2.26 -19.85 -3.99
C LEU B 114 0.78 -19.50 -3.97
N ILE B 115 0.00 -20.21 -3.15
CA ILE B 115 -1.43 -19.93 -3.07
C ILE B 115 -1.68 -18.53 -2.54
N ASP B 116 -0.82 -18.04 -1.64
CA ASP B 116 -0.96 -16.68 -1.14
C ASP B 116 -0.81 -15.66 -2.27
N ILE B 117 0.15 -15.88 -3.16
CA ILE B 117 0.31 -14.99 -4.32
C ILE B 117 -0.94 -15.03 -5.19
N ALA B 118 -1.39 -16.24 -5.53
CA ALA B 118 -2.63 -16.37 -6.29
C ALA B 118 -3.81 -15.78 -5.54
N ARG B 119 -3.85 -15.96 -4.22
CA ARG B 119 -4.89 -15.37 -3.40
C ARG B 119 -4.87 -13.84 -3.49
N GLN B 120 -3.68 -13.25 -3.37
CA GLN B 120 -3.55 -11.80 -3.42
C GLN B 120 -3.88 -11.27 -4.82
N THR B 121 -3.38 -11.93 -5.87
CA THR B 121 -3.71 -11.51 -7.23
C THR B 121 -5.22 -11.59 -7.48
N ALA B 122 -5.86 -12.63 -6.95
CA ALA B 122 -7.31 -12.75 -7.09
C ALA B 122 -8.03 -11.57 -6.44
N ARG B 123 -7.53 -11.12 -5.29
CA ARG B 123 -8.14 -10.00 -4.60
C ARG B 123 -8.10 -8.74 -5.46
N GLY B 124 -6.93 -8.41 -5.99
CA GLY B 124 -6.82 -7.23 -6.84
C GLY B 124 -7.63 -7.33 -8.12
N MET B 125 -7.58 -8.49 -8.77
CA MET B 125 -8.30 -8.67 -10.02
C MET B 125 -9.81 -8.59 -9.81
N ASP B 126 -10.32 -9.25 -8.78
CA ASP B 126 -11.74 -9.16 -8.46
C ASP B 126 -12.14 -7.71 -8.15
N TYR B 127 -11.26 -6.99 -7.45
CA TYR B 127 -11.51 -5.57 -7.22
C TYR B 127 -11.58 -4.80 -8.52
N LEU B 128 -10.68 -5.09 -9.46
CA LEU B 128 -10.68 -4.40 -10.74
C LEU B 128 -11.96 -4.70 -11.51
N HIS B 129 -12.31 -5.99 -11.63
CA HIS B 129 -13.54 -6.35 -12.34
C HIS B 129 -14.78 -5.78 -11.65
N ALA B 130 -14.74 -5.65 -10.31
CA ALA B 130 -15.84 -5.02 -9.61
C ALA B 130 -16.05 -3.58 -10.05
N LYS B 131 -14.97 -2.90 -10.44
CA LYS B 131 -15.05 -1.53 -10.94
C LYS B 131 -15.31 -1.47 -12.44
N SER B 132 -15.70 -2.59 -13.04
CA SER B 132 -15.99 -2.68 -14.48
C SER B 132 -14.81 -2.21 -15.33
N ILE B 133 -13.59 -2.42 -14.84
CA ILE B 133 -12.38 -2.09 -15.59
C ILE B 133 -11.66 -3.38 -15.93
N ILE B 134 -11.24 -3.50 -17.19
CA ILE B 134 -10.58 -4.71 -17.69
C ILE B 134 -9.09 -4.44 -17.81
N HIS B 135 -8.29 -5.33 -17.23
CA HIS B 135 -6.83 -5.27 -17.37
C HIS B 135 -6.46 -6.17 -18.54
N ARG B 136 -6.39 -5.56 -19.73
CA ARG B 136 -6.30 -6.33 -20.96
C ARG B 136 -5.05 -7.21 -21.01
N ASP B 137 -3.97 -6.76 -20.38
CA ASP B 137 -2.71 -7.51 -20.36
C ASP B 137 -2.37 -7.90 -18.93
N LEU B 138 -2.77 -9.11 -18.53
CA LEU B 138 -2.43 -9.66 -17.22
C LEU B 138 -1.48 -10.84 -17.44
N LYS B 139 -0.31 -10.77 -16.82
CA LYS B 139 0.70 -11.82 -16.99
C LYS B 139 1.68 -11.75 -15.82
N SER B 140 2.56 -12.75 -15.77
CA SER B 140 3.52 -12.84 -14.68
C SER B 140 4.45 -11.63 -14.64
N ASN B 141 4.74 -11.04 -15.80
CA ASN B 141 5.56 -9.82 -15.83
C ASN B 141 4.85 -8.67 -15.13
N ASN B 142 3.53 -8.58 -15.28
CA ASN B 142 2.75 -7.49 -14.72
C ASN B 142 2.30 -7.76 -13.28
N ILE B 143 2.85 -8.77 -12.63
CA ILE B 143 2.59 -9.04 -11.21
C ILE B 143 3.89 -8.81 -10.46
N PHE B 144 3.90 -7.82 -9.58
CA PHE B 144 5.10 -7.43 -8.85
C PHE B 144 4.96 -7.82 -7.38
N LEU B 145 6.03 -8.35 -6.81
CA LEU B 145 6.06 -8.77 -5.41
C LEU B 145 6.79 -7.69 -4.62
N HIS B 146 6.02 -6.79 -4.00
CA HIS B 146 6.62 -5.76 -3.16
C HIS B 146 7.10 -6.36 -1.84
N GLU B 147 8.35 -6.09 -1.50
CA GLU B 147 9.03 -6.72 -0.35
C GLU B 147 8.98 -8.25 -0.43
N ASP B 148 8.78 -8.77 -1.64
CA ASP B 148 8.82 -10.20 -1.97
C ASP B 148 7.59 -10.96 -1.48
N ASN B 149 6.73 -10.33 -0.69
CA ASN B 149 5.56 -11.02 -0.15
C ASN B 149 4.23 -10.42 -0.58
N THR B 150 4.17 -9.12 -0.86
CA THR B 150 2.92 -8.44 -1.21
C THR B 150 2.85 -8.25 -2.72
N VAL B 151 1.70 -8.58 -3.30
CA VAL B 151 1.51 -8.53 -4.75
C VAL B 151 0.94 -7.18 -5.15
N LYS B 152 1.51 -6.59 -6.20
CA LYS B 152 1.01 -5.37 -6.81
C LYS B 152 0.72 -5.64 -8.28
N ILE B 153 -0.50 -5.34 -8.72
CA ILE B 153 -0.89 -5.53 -10.11
C ILE B 153 -0.80 -4.19 -10.82
N GLY B 154 -0.12 -4.18 -11.97
CA GLY B 154 0.04 -2.95 -12.73
C GLY B 154 0.39 -3.24 -14.16
N ASP B 155 0.58 -2.16 -14.92
CA ASP B 155 0.98 -2.24 -16.32
C ASP B 155 2.48 -1.95 -16.44
N PHE B 156 3.27 -2.90 -15.96
CA PHE B 156 4.72 -2.76 -15.95
C PHE B 156 5.30 -2.96 -17.35
N SER B 175 4.26 -9.61 -29.66
CA SER B 175 3.23 -9.08 -28.78
C SER B 175 3.74 -8.98 -27.35
N GLY B 176 4.39 -10.06 -26.89
CA GLY B 176 4.95 -10.15 -25.57
C GLY B 176 4.09 -10.86 -24.56
N SER B 177 2.79 -11.03 -24.83
CA SER B 177 1.88 -11.69 -23.91
C SER B 177 1.07 -12.75 -24.62
N ILE B 178 1.70 -13.49 -25.54
CA ILE B 178 0.96 -14.48 -26.33
C ILE B 178 0.45 -15.62 -25.45
N LEU B 179 1.32 -16.13 -24.57
CA LEU B 179 0.97 -17.30 -23.77
C LEU B 179 -0.29 -17.06 -22.92
N TRP B 180 -0.52 -15.82 -22.51
CA TRP B 180 -1.66 -15.48 -21.66
C TRP B 180 -2.91 -15.10 -22.44
N MET B 181 -2.84 -15.02 -23.77
CA MET B 181 -3.99 -14.62 -24.58
C MET B 181 -4.99 -15.75 -24.70
N ALA B 182 -6.27 -15.42 -24.56
CA ALA B 182 -7.33 -16.40 -24.66
C ALA B 182 -7.54 -16.82 -26.12
N PRO B 183 -8.12 -17.99 -26.35
CA PRO B 183 -8.41 -18.42 -27.73
C PRO B 183 -9.24 -17.41 -28.51
N GLU B 184 -10.28 -16.84 -27.89
CA GLU B 184 -11.13 -15.90 -28.62
C GLU B 184 -10.36 -14.63 -28.97
N VAL B 185 -9.51 -14.16 -28.07
CA VAL B 185 -8.71 -12.96 -28.36
C VAL B 185 -7.68 -13.27 -29.44
N ILE B 186 -7.15 -14.49 -29.47
CA ILE B 186 -6.24 -14.89 -30.54
C ILE B 186 -7.00 -14.92 -31.87
N ARG B 187 -8.20 -15.50 -31.87
CA ARG B 187 -8.97 -15.59 -33.11
C ARG B 187 -9.38 -14.21 -33.61
N MET B 188 -9.74 -13.31 -32.71
CA MET B 188 -10.13 -11.96 -33.08
C MET B 188 -9.62 -10.94 -32.06
N PRO B 193 -13.55 -11.10 -28.00
CA PRO B 193 -12.75 -9.89 -27.78
C PRO B 193 -12.16 -9.84 -26.37
N TYR B 194 -11.56 -8.71 -26.02
CA TYR B 194 -11.04 -8.52 -24.67
C TYR B 194 -12.20 -8.28 -23.71
N SER B 195 -12.24 -9.05 -22.62
CA SER B 195 -13.35 -8.99 -21.68
C SER B 195 -12.89 -9.58 -20.35
N PHE B 196 -13.79 -9.59 -19.38
CA PHE B 196 -13.52 -10.23 -18.09
C PHE B 196 -13.10 -11.68 -18.27
N GLN B 197 -13.70 -12.38 -19.24
CA GLN B 197 -13.37 -13.77 -19.46
C GLN B 197 -11.94 -13.94 -19.95
N SER B 198 -11.45 -13.00 -20.76
CA SER B 198 -10.06 -13.06 -21.20
C SER B 198 -9.11 -12.87 -20.01
N ASP B 199 -9.49 -12.02 -19.05
CA ASP B 199 -8.63 -11.79 -17.90
C ASP B 199 -8.54 -13.02 -17.01
N VAL B 200 -9.67 -13.68 -16.74
CA VAL B 200 -9.63 -14.86 -15.88
C VAL B 200 -8.90 -15.99 -16.59
N TYR B 201 -9.01 -16.08 -17.92
CA TYR B 201 -8.20 -17.04 -18.66
C TYR B 201 -6.72 -16.72 -18.51
N ALA B 202 -6.36 -15.44 -18.68
CA ALA B 202 -4.97 -15.04 -18.44
C ALA B 202 -4.56 -15.33 -17.01
N PHE B 203 -5.50 -15.15 -16.06
CA PHE B 203 -5.25 -15.57 -14.69
C PHE B 203 -5.00 -17.06 -14.60
N GLY B 204 -5.65 -17.84 -15.46
CA GLY B 204 -5.43 -19.28 -15.45
C GLY B 204 -4.00 -19.67 -15.78
N ILE B 205 -3.40 -19.01 -16.78
CA ILE B 205 -2.00 -19.29 -17.12
C ILE B 205 -1.10 -18.92 -15.96
N VAL B 206 -1.39 -17.81 -15.29
CA VAL B 206 -0.61 -17.43 -14.10
C VAL B 206 -0.75 -18.50 -13.02
N LEU B 207 -1.94 -19.04 -12.84
CA LEU B 207 -2.11 -20.19 -11.97
C LEU B 207 -1.28 -21.38 -12.46
N TYR B 208 -1.28 -21.60 -13.78
CA TYR B 208 -0.44 -22.65 -14.36
C TYR B 208 1.03 -22.40 -14.09
N GLU B 209 1.47 -21.14 -14.22
CA GLU B 209 2.86 -20.79 -13.93
C GLU B 209 3.21 -21.10 -12.49
N LEU B 210 2.35 -20.70 -11.54
CA LEU B 210 2.63 -20.91 -10.13
C LEU B 210 2.70 -22.39 -9.79
N MET B 211 1.70 -23.16 -10.25
CA MET B 211 1.63 -24.56 -9.87
C MET B 211 2.65 -25.42 -10.62
N THR B 212 2.71 -25.28 -11.95
CA THR B 212 3.65 -26.08 -12.72
C THR B 212 5.08 -25.58 -12.55
N GLY B 213 5.26 -24.26 -12.43
CA GLY B 213 6.58 -23.68 -12.33
C GLY B 213 7.22 -23.27 -13.63
N GLN B 214 6.51 -23.37 -14.75
CA GLN B 214 7.09 -23.06 -16.05
C GLN B 214 6.02 -22.54 -16.99
N LEU B 215 6.47 -21.85 -18.04
CA LEU B 215 5.57 -21.31 -19.04
C LEU B 215 4.91 -22.44 -19.82
N PRO B 216 3.69 -22.25 -20.29
CA PRO B 216 3.02 -23.29 -21.08
C PRO B 216 3.60 -23.40 -22.48
N TYR B 217 3.29 -24.53 -23.12
CA TYR B 217 3.72 -24.81 -24.49
C TYR B 217 5.24 -24.77 -24.63
N SER B 218 5.96 -25.33 -23.66
CA SER B 218 7.41 -25.35 -23.73
C SER B 218 7.91 -26.16 -24.93
N ASN B 219 7.18 -27.21 -25.30
CA ASN B 219 7.61 -28.05 -26.43
C ASN B 219 7.64 -27.26 -27.72
N ILE B 220 6.60 -26.47 -27.98
CA ILE B 220 6.51 -25.72 -29.23
C ILE B 220 7.48 -24.56 -29.20
N ASN B 221 8.26 -24.39 -30.27
CA ASN B 221 9.19 -23.28 -30.40
C ASN B 221 8.68 -22.17 -31.32
N ASN B 222 7.71 -22.46 -32.17
CA ASN B 222 7.20 -21.49 -33.13
C ASN B 222 6.01 -20.76 -32.51
N ARG B 223 6.17 -19.46 -32.29
CA ARG B 223 5.07 -18.66 -31.76
C ARG B 223 3.89 -18.64 -32.74
N ASP B 224 4.18 -18.62 -34.05
CA ASP B 224 3.11 -18.65 -35.03
C ASP B 224 2.32 -19.95 -34.95
N GLN B 225 3.01 -21.08 -34.73
CA GLN B 225 2.31 -22.33 -34.50
C GLN B 225 1.50 -22.28 -33.21
N ILE B 226 2.05 -21.66 -32.17
CA ILE B 226 1.31 -21.53 -30.92
C ILE B 226 0.07 -20.69 -31.11
N ILE B 227 0.19 -19.58 -31.86
CA ILE B 227 -0.96 -18.71 -32.11
C ILE B 227 -2.05 -19.48 -32.84
N GLU B 228 -1.69 -20.19 -33.91
CA GLU B 228 -2.68 -20.91 -34.70
C GLU B 228 -3.32 -22.04 -33.91
N MET B 229 -2.51 -22.83 -33.19
CA MET B 229 -3.05 -23.98 -32.47
C MET B 229 -3.95 -23.56 -31.32
N VAL B 230 -3.50 -22.59 -30.51
CA VAL B 230 -4.29 -22.13 -29.38
C VAL B 230 -5.57 -21.44 -29.86
N GLY B 231 -5.46 -20.60 -30.90
CA GLY B 231 -6.62 -19.88 -31.38
C GLY B 231 -7.73 -20.79 -31.86
N ARG B 232 -7.38 -21.85 -32.59
CA ARG B 232 -8.37 -22.80 -33.06
C ARG B 232 -8.84 -23.78 -31.98
N GLY B 233 -8.25 -23.72 -30.79
CA GLY B 233 -8.62 -24.61 -29.71
C GLY B 233 -7.89 -25.93 -29.70
N SER B 234 -7.01 -26.19 -30.65
CA SER B 234 -6.28 -27.45 -30.70
C SER B 234 -5.35 -27.61 -29.50
N LEU B 235 -4.80 -26.52 -28.99
CA LEU B 235 -3.79 -26.56 -27.96
C LEU B 235 -4.35 -26.02 -26.64
N SER B 236 -3.90 -26.63 -25.54
CA SER B 236 -4.26 -26.24 -24.19
C SER B 236 -3.10 -26.60 -23.28
N PRO B 237 -2.90 -25.87 -22.18
CA PRO B 237 -1.77 -26.18 -21.29
C PRO B 237 -1.89 -27.59 -20.71
N ASP B 238 -0.73 -28.22 -20.53
CA ASP B 238 -0.65 -29.60 -20.04
C ASP B 238 -0.63 -29.58 -18.52
N LEU B 239 -1.76 -29.92 -17.90
CA LEU B 239 -1.89 -29.88 -16.45
C LEU B 239 -1.06 -30.93 -15.74
N SER B 240 -0.54 -31.95 -16.44
CA SER B 240 0.25 -32.97 -15.78
C SER B 240 1.51 -32.38 -15.15
N LYS B 241 2.03 -31.30 -15.69
CA LYS B 241 3.24 -30.66 -15.15
C LYS B 241 3.03 -30.08 -13.76
N VAL B 242 1.79 -30.12 -13.24
CA VAL B 242 1.52 -29.55 -11.93
C VAL B 242 2.30 -30.29 -10.85
N ARG B 243 2.62 -29.57 -9.77
CA ARG B 243 3.34 -30.17 -8.65
C ARG B 243 2.47 -31.20 -7.93
N SER B 244 3.13 -32.14 -7.25
CA SER B 244 2.40 -33.16 -6.51
C SER B 244 1.67 -32.56 -5.32
N ASN B 245 2.33 -31.68 -4.57
CA ASN B 245 1.73 -31.06 -3.39
C ASN B 245 0.64 -30.06 -3.75
N CYS B 246 0.44 -29.76 -5.03
CA CYS B 246 -0.59 -28.82 -5.43
C CYS B 246 -1.97 -29.34 -5.00
N PRO B 247 -2.78 -28.51 -4.35
CA PRO B 247 -4.12 -28.96 -3.96
C PRO B 247 -4.95 -29.34 -5.17
N LYS B 248 -5.83 -30.33 -4.98
CA LYS B 248 -6.68 -30.80 -6.06
C LYS B 248 -7.62 -29.70 -6.55
N ARG B 249 -8.13 -28.88 -5.63
CA ARG B 249 -9.07 -27.82 -6.02
C ARG B 249 -8.42 -26.81 -6.96
N MET B 250 -7.14 -26.51 -6.74
CA MET B 250 -6.45 -25.54 -7.60
C MET B 250 -6.39 -26.03 -9.03
N LYS B 251 -6.01 -27.30 -9.24
CA LYS B 251 -5.95 -27.85 -10.59
C LYS B 251 -7.31 -27.81 -11.26
N ARG B 252 -8.37 -28.19 -10.53
CA ARG B 252 -9.72 -28.06 -11.07
C ARG B 252 -10.07 -26.59 -11.31
N LEU B 253 -9.74 -25.72 -10.35
CA LEU B 253 -9.96 -24.30 -10.53
C LEU B 253 -9.17 -23.75 -11.71
N MET B 254 -7.91 -24.16 -11.82
CA MET B 254 -7.09 -23.75 -12.95
C MET B 254 -7.72 -24.19 -14.28
N ALA B 255 -8.15 -25.45 -14.35
CA ALA B 255 -8.75 -25.97 -15.57
C ALA B 255 -10.01 -25.19 -15.95
N GLU B 256 -10.82 -24.82 -14.96
CA GLU B 256 -12.01 -24.03 -15.24
C GLU B 256 -11.65 -22.68 -15.83
N CYS B 257 -10.59 -22.05 -15.32
CA CYS B 257 -10.13 -20.77 -15.87
C CYS B 257 -9.59 -20.93 -17.28
N LEU B 258 -9.00 -22.08 -17.59
CA LEU B 258 -8.41 -22.35 -18.90
C LEU B 258 -9.42 -22.88 -19.91
N LYS B 259 -10.71 -22.82 -19.59
CA LYS B 259 -11.72 -23.35 -20.49
C LYS B 259 -11.69 -22.61 -21.82
N LYS B 260 -11.71 -23.38 -22.92
CA LYS B 260 -11.67 -22.79 -24.25
C LYS B 260 -12.92 -21.96 -24.51
N LYS B 261 -14.08 -22.44 -24.06
CA LYS B 261 -15.31 -21.69 -24.22
C LYS B 261 -15.29 -20.46 -23.32
N ARG B 262 -15.52 -19.29 -23.92
CA ARG B 262 -15.41 -18.04 -23.17
C ARG B 262 -16.41 -17.97 -22.02
N ASP B 263 -17.68 -18.26 -22.31
CA ASP B 263 -18.71 -18.19 -21.28
C ASP B 263 -18.53 -19.24 -20.19
N GLU B 264 -17.87 -20.35 -20.50
CA GLU B 264 -17.68 -21.41 -19.52
C GLU B 264 -16.80 -20.97 -18.35
N ARG B 265 -15.95 -19.98 -18.56
CA ARG B 265 -15.01 -19.57 -17.53
C ARG B 265 -15.73 -18.93 -16.35
N PRO B 266 -15.31 -19.21 -15.12
CA PRO B 266 -15.95 -18.61 -13.95
C PRO B 266 -15.51 -17.17 -13.73
N SER B 267 -16.36 -16.43 -13.01
CA SER B 267 -16.07 -15.05 -12.68
C SER B 267 -15.10 -14.97 -11.50
N PHE B 268 -14.49 -13.79 -11.35
CA PHE B 268 -13.50 -13.58 -10.30
C PHE B 268 -14.05 -13.62 -8.88
N PRO B 269 -15.28 -13.13 -8.61
CA PRO B 269 -15.84 -13.34 -7.27
C PRO B 269 -15.92 -14.80 -6.87
N ARG B 270 -16.28 -15.67 -7.82
CA ARG B 270 -16.37 -17.10 -7.50
C ARG B 270 -15.00 -17.70 -7.23
N ILE B 271 -14.02 -17.42 -8.08
CA ILE B 271 -12.71 -18.03 -7.92
C ILE B 271 -11.97 -17.43 -6.74
N LEU B 272 -12.21 -16.15 -6.43
CA LEU B 272 -11.62 -15.55 -5.23
C LEU B 272 -12.12 -16.24 -3.98
N ALA B 273 -13.42 -16.54 -3.92
CA ALA B 273 -13.97 -17.24 -2.76
C ALA B 273 -13.34 -18.62 -2.60
N GLU B 274 -13.13 -19.33 -3.71
CA GLU B 274 -12.56 -20.67 -3.65
C GLU B 274 -11.12 -20.63 -3.13
N ILE B 275 -10.29 -19.74 -3.68
CA ILE B 275 -8.89 -19.66 -3.27
C ILE B 275 -8.78 -19.31 -1.79
N GLU B 276 -9.52 -18.28 -1.37
CA GLU B 276 -9.47 -17.87 0.04
C GLU B 276 -9.97 -18.97 0.96
N GLU B 277 -11.02 -19.69 0.54
CA GLU B 277 -11.45 -20.86 1.30
C GLU B 277 -10.37 -21.92 1.34
N LEU B 278 -9.69 -22.17 0.21
CA LEU B 278 -8.59 -23.10 0.18
C LEU B 278 -7.43 -22.60 1.05
N ALA B 279 -7.14 -21.29 0.99
CA ALA B 279 -6.08 -20.72 1.80
C ALA B 279 -6.36 -20.87 3.29
N ARG B 280 -7.63 -20.83 3.70
CA ARG B 280 -7.96 -20.93 5.12
C ARG B 280 -7.49 -22.24 5.71
N GLU B 281 -7.79 -23.37 5.05
CA GLU B 281 -7.35 -24.67 5.56
C GLU B 281 -5.84 -24.75 5.64
N LEU B 282 -5.15 -24.37 4.57
CA LEU B 282 -3.69 -24.35 4.54
C LEU B 282 -3.11 -23.37 5.55
#